data_7OQI
#
_entry.id   7OQI
#
_cell.length_a   70.027
_cell.length_b   61.901
_cell.length_c   70.217
_cell.angle_alpha   90.000
_cell.angle_beta   113.010
_cell.angle_gamma   90.000
#
_symmetry.space_group_name_H-M   'P 1 21 1'
#
loop_
_entity.id
_entity.type
_entity.pdbx_description
1 polymer "Uridine 5'-monophosphate synthase"
2 polymer "Uridine 5'-monophosphate synthase"
3 non-polymer GLYCEROL
4 non-polymer 'SULFATE ION'
5 non-polymer "OROTIDINE-5'-MONOPHOSPHATE"
6 non-polymer "URIDINE-5'-MONOPHOSPHATE"
7 water water
#
loop_
_entity_poly.entity_id
_entity_poly.type
_entity_poly.pdbx_seq_one_letter_code
_entity_poly.pdbx_strand_id
1 'polypeptide(L)'
;ELSFGARAELPRIHPVASKLLRLMQKKETNLCLSADVSLARELLQLADALGPSICMLKTHVDILNDFTLDVMKELITLAK
(CSS)HEFLIFEDR(ALY)FADIGNTVKKQYEGGIFKIASWADLVNAHVVPGSGVVKGLQEVGLPLHRGCLLIAEMSSTG
SLATGDYTRAAVRMAEEHSEFVVGFISGSRVSMKPEFLHLTPGVQLEAGGDNLGQQYNSPQEVIGKRGSDIIIVGRGIIS
AADRLEAAEMYRKAAWEAYLSRLGV
;
A
2 'polypeptide(L)'
;ELSFGARAELPRIHPVASKLLRLMQKKETNLCLSADVSLARELLQLADALGPSICMLKTHVDILNDFTLDVMKELITLAK
CHEFLIFEDR(ALY)FADIGNTVKKQYEGGIFKIASWADLVNAHVVPGSGVVKGLQEVGLPLHRGCLLIAEMSSTGSLAT
GDYTRAAVRMAEEHSEFVVGFISGSRVSMKPEFLHLTPGVQLEAGGDNLGQQYNSPQEVIGKRGSDIIIVGRGIISAADR
LEAAEMYRKAAWEAYLSRLGV
;
B
#
loop_
_chem_comp.id
_chem_comp.type
_chem_comp.name
_chem_comp.formula
GOL non-polymer GLYCEROL 'C3 H8 O3'
OMP non-polymer OROTIDINE-5'-MONOPHOSPHATE 'C10 H13 N2 O11 P'
SO4 non-polymer 'SULFATE ION' 'O4 S -2'
U5P non-polymer URIDINE-5'-MONOPHOSPHATE 'C9 H13 N2 O9 P'
#
# COMPACT_ATOMS: atom_id res chain seq x y z
N GLU A 1 -2.18 30.33 -18.41
CA GLU A 1 -2.28 29.69 -17.07
C GLU A 1 -3.29 30.46 -16.21
N LEU A 2 -4.14 29.74 -15.49
CA LEU A 2 -5.21 30.30 -14.65
C LEU A 2 -4.79 30.28 -13.17
N SER A 3 -5.29 31.24 -12.41
CA SER A 3 -5.17 31.25 -10.94
C SER A 3 -5.89 30.04 -10.34
N PHE A 4 -5.56 29.72 -9.11
CA PHE A 4 -6.28 28.66 -8.35
C PHE A 4 -7.78 29.00 -8.32
N GLY A 5 -8.13 30.26 -8.07
CA GLY A 5 -9.54 30.67 -7.99
C GLY A 5 -10.27 30.45 -9.30
N ALA A 6 -9.65 30.71 -10.43
CA ALA A 6 -10.26 30.47 -11.76
C ALA A 6 -10.33 28.97 -12.04
N ARG A 7 -9.29 28.23 -11.68
CA ARG A 7 -9.32 26.75 -11.88
C ARG A 7 -10.48 26.14 -11.10
N ALA A 8 -10.82 26.70 -9.94
CA ALA A 8 -11.94 26.20 -9.10
C ALA A 8 -13.26 26.26 -9.87
N GLU A 9 -13.35 27.06 -10.92
CA GLU A 9 -14.61 27.24 -11.68
C GLU A 9 -14.60 26.48 -13.00
N LEU A 10 -13.53 25.75 -13.33
CA LEU A 10 -13.46 25.10 -14.66
C LEU A 10 -14.63 24.14 -14.85
N PRO A 11 -15.19 24.04 -16.08
CA PRO A 11 -16.34 23.18 -16.32
C PRO A 11 -16.23 21.75 -15.81
N ARG A 12 -15.05 21.15 -15.98
CA ARG A 12 -14.82 19.71 -15.67
C ARG A 12 -14.24 19.55 -14.26
N ILE A 13 -14.20 20.60 -13.45
CA ILE A 13 -13.60 20.53 -12.09
C ILE A 13 -14.41 19.57 -11.23
N HIS A 14 -13.73 18.76 -10.44
CA HIS A 14 -14.36 17.92 -9.41
C HIS A 14 -14.72 18.78 -8.22
N PRO A 15 -15.86 18.54 -7.54
CA PRO A 15 -16.22 19.36 -6.38
C PRO A 15 -15.17 19.42 -5.27
N VAL A 16 -14.43 18.33 -5.04
CA VAL A 16 -13.40 18.32 -3.97
C VAL A 16 -12.23 19.22 -4.42
N ALA A 17 -11.83 19.12 -5.68
CA ALA A 17 -10.79 20.00 -6.25
C ALA A 17 -11.21 21.46 -6.17
N SER A 18 -12.47 21.75 -6.50
N SER A 18 -12.48 21.77 -6.49
CA SER A 18 -13.00 23.13 -6.47
CA SER A 18 -12.97 23.18 -6.49
C SER A 18 -12.90 23.69 -5.06
C SER A 18 -12.97 23.73 -5.06
N LYS A 19 -13.37 22.92 -4.06
CA LYS A 19 -13.34 23.36 -2.64
C LYS A 19 -11.89 23.67 -2.26
N LEU A 20 -10.97 22.80 -2.63
CA LEU A 20 -9.54 22.98 -2.31
C LEU A 20 -9.00 24.24 -2.99
N LEU A 21 -9.23 24.39 -4.28
CA LEU A 21 -8.66 25.54 -5.04
C LEU A 21 -9.23 26.86 -4.49
N ARG A 22 -10.50 26.89 -4.12
CA ARG A 22 -11.11 28.12 -3.55
C ARG A 22 -10.40 28.47 -2.22
N LEU A 23 -10.18 27.51 -1.34
CA LEU A 23 -9.58 27.86 -0.02
C LEU A 23 -8.08 28.15 -0.19
N MET A 24 -7.42 27.56 -1.19
CA MET A 24 -6.01 27.93 -1.51
C MET A 24 -5.94 29.41 -1.86
N GLN A 25 -6.82 29.84 -2.76
CA GLN A 25 -6.86 31.27 -3.19
C GLN A 25 -7.23 32.16 -1.99
N LYS A 26 -8.26 31.79 -1.25
CA LYS A 26 -8.75 32.65 -0.12
C LYS A 26 -7.63 32.85 0.90
N LYS A 27 -6.91 31.79 1.24
CA LYS A 27 -5.96 31.80 2.37
C LYS A 27 -4.53 32.06 1.90
N GLU A 28 -4.29 32.14 0.59
CA GLU A 28 -2.94 32.30 0.00
C GLU A 28 -2.05 31.18 0.54
N THR A 29 -2.50 29.94 0.41
CA THR A 29 -1.64 28.79 0.77
C THR A 29 -1.81 27.66 -0.24
N ASN A 30 -0.66 27.14 -0.66
CA ASN A 30 -0.55 25.89 -1.46
C ASN A 30 0.39 24.94 -0.73
N LEU A 31 0.32 24.97 0.60
CA LEU A 31 1.10 24.07 1.49
C LEU A 31 0.20 22.98 2.04
N CYS A 32 0.65 21.74 1.89
CA CYS A 32 0.08 20.54 2.55
C CYS A 32 1.03 20.11 3.65
N LEU A 33 0.57 20.13 4.89
CA LEU A 33 1.38 19.61 6.01
C LEU A 33 1.32 18.09 5.98
N SER A 34 2.48 17.43 5.99
CA SER A 34 2.57 15.98 6.17
C SER A 34 2.71 15.72 7.67
N ALA A 35 1.60 15.44 8.36
CA ALA A 35 1.53 15.35 9.83
C ALA A 35 2.03 13.97 10.27
N ASP A 36 3.32 13.74 10.11
CA ASP A 36 3.92 12.40 10.30
C ASP A 36 4.31 12.25 11.77
N VAL A 37 3.31 12.08 12.61
CA VAL A 37 3.44 11.96 14.08
C VAL A 37 2.72 10.70 14.54
N SER A 38 3.04 10.22 15.73
N SER A 38 3.12 10.18 15.69
CA SER A 38 2.45 9.00 16.29
CA SER A 38 2.67 8.87 16.25
C SER A 38 1.44 9.32 17.40
C SER A 38 1.54 9.09 17.26
N LEU A 39 1.38 10.56 17.92
N LEU A 39 1.27 10.34 17.63
CA LEU A 39 0.43 10.90 18.99
CA LEU A 39 0.47 10.72 18.84
C LEU A 39 -0.73 11.71 18.43
C LEU A 39 -0.69 11.66 18.44
N ALA A 40 -1.93 11.27 18.75
CA ALA A 40 -3.15 12.04 18.42
C ALA A 40 -3.04 13.47 18.96
N ARG A 41 -2.55 13.67 20.18
CA ARG A 41 -2.52 15.04 20.75
C ARG A 41 -1.62 15.92 19.89
N GLU A 42 -0.48 15.39 19.44
CA GLU A 42 0.44 16.20 18.60
C GLU A 42 -0.20 16.47 17.24
N LEU A 43 -0.85 15.46 16.65
CA LEU A 43 -1.57 15.65 15.36
C LEU A 43 -2.57 16.79 15.51
N LEU A 44 -3.39 16.76 16.55
CA LEU A 44 -4.47 17.77 16.70
C LEU A 44 -3.88 19.14 17.05
N GLN A 45 -2.83 19.20 17.86
CA GLN A 45 -2.21 20.50 18.20
C GLN A 45 -1.57 21.10 16.94
N LEU A 46 -0.93 20.29 16.10
CA LEU A 46 -0.37 20.79 14.81
C LEU A 46 -1.51 21.25 13.90
N ALA A 47 -2.59 20.48 13.79
CA ALA A 47 -3.72 20.84 12.91
C ALA A 47 -4.31 22.18 13.34
N ASP A 48 -4.44 22.39 14.63
CA ASP A 48 -5.06 23.65 15.14
C ASP A 48 -4.12 24.83 14.87
N ALA A 49 -2.85 24.72 15.25
CA ALA A 49 -1.91 25.85 15.14
C ALA A 49 -1.56 26.17 13.69
N LEU A 50 -1.40 25.14 12.85
CA LEU A 50 -0.94 25.33 11.46
C LEU A 50 -2.13 25.40 10.50
N GLY A 51 -3.34 25.12 10.98
CA GLY A 51 -4.54 25.11 10.13
C GLY A 51 -4.63 26.36 9.24
N PRO A 52 -4.49 27.58 9.80
CA PRO A 52 -4.59 28.80 8.99
C PRO A 52 -3.54 28.91 7.88
N SER A 53 -2.41 28.19 8.00
CA SER A 53 -1.26 28.27 7.07
C SER A 53 -1.34 27.24 5.95
N ILE A 54 -2.26 26.27 6.03
CA ILE A 54 -2.23 25.09 5.11
C ILE A 54 -3.51 24.99 4.31
N CYS A 55 -3.42 24.40 3.12
CA CYS A 55 -4.61 24.07 2.31
C CYS A 55 -5.05 22.64 2.61
N MET A 56 -4.21 21.85 3.26
CA MET A 56 -4.41 20.39 3.36
C MET A 56 -3.52 19.85 4.47
N LEU A 57 -4.05 18.86 5.14
CA LEU A 57 -3.29 18.09 6.16
C LEU A 57 -3.29 16.65 5.67
N LYS A 58 -2.09 16.12 5.47
CA LYS A 58 -1.90 14.73 4.99
C LYS A 58 -1.59 13.85 6.19
N THR A 59 -2.32 12.76 6.30
CA THR A 59 -2.20 11.77 7.39
C THR A 59 -1.58 10.47 6.89
N HIS A 60 -0.96 9.78 7.82
CA HIS A 60 -0.75 8.32 7.77
C HIS A 60 -1.40 7.74 9.02
N VAL A 61 -2.69 7.44 8.90
N VAL A 61 -2.71 7.47 9.03
CA VAL A 61 -3.52 7.00 10.06
CA VAL A 61 -3.32 7.10 10.34
C VAL A 61 -2.91 5.74 10.68
C VAL A 61 -2.82 5.72 10.77
N ASP A 62 -2.24 4.93 9.87
CA ASP A 62 -1.68 3.62 10.31
C ASP A 62 -0.37 3.77 11.10
N ILE A 63 0.14 4.98 11.29
N ILE A 63 0.02 5.00 11.43
CA ILE A 63 1.30 5.19 12.22
CA ILE A 63 1.19 5.28 12.30
C ILE A 63 0.85 5.87 13.51
C ILE A 63 0.72 5.87 13.63
N LEU A 64 -0.43 6.19 13.66
N LEU A 64 -0.56 6.22 13.76
CA LEU A 64 -0.96 6.78 14.92
CA LEU A 64 -1.09 6.89 14.97
C LEU A 64 -1.06 5.67 15.95
C LEU A 64 -1.28 5.85 16.06
N ASN A 65 -0.40 5.84 17.09
CA ASN A 65 -0.40 4.81 18.13
C ASN A 65 -1.76 4.75 18.84
N ASP A 66 -2.46 5.90 18.91
CA ASP A 66 -3.71 6.04 19.67
C ASP A 66 -4.82 6.51 18.73
N PHE A 67 -4.82 6.02 17.50
CA PHE A 67 -5.96 6.22 16.58
C PHE A 67 -7.26 5.80 17.25
N THR A 68 -8.29 6.65 17.13
CA THR A 68 -9.71 6.27 17.25
C THR A 68 -10.49 7.08 16.23
N LEU A 69 -11.71 6.68 15.94
CA LEU A 69 -12.56 7.50 15.04
C LEU A 69 -12.87 8.85 15.70
N ASP A 70 -12.88 8.94 17.04
N ASP A 70 -12.88 8.93 17.03
CA ASP A 70 -13.11 10.24 17.74
CA ASP A 70 -13.11 10.21 17.73
C ASP A 70 -11.95 11.19 17.47
C ASP A 70 -11.96 11.17 17.41
N VAL A 71 -10.72 10.68 17.32
CA VAL A 71 -9.58 11.57 16.93
C VAL A 71 -9.90 12.19 15.56
N MET A 72 -10.41 11.39 14.63
CA MET A 72 -10.69 11.88 13.27
C MET A 72 -11.86 12.87 13.30
N LYS A 73 -12.83 12.67 14.20
CA LYS A 73 -13.92 13.66 14.38
C LYS A 73 -13.31 15.01 14.80
N GLU A 74 -12.38 14.98 15.75
CA GLU A 74 -11.72 16.22 16.25
C GLU A 74 -10.91 16.85 15.10
N LEU A 75 -10.26 16.04 14.28
CA LEU A 75 -9.48 16.59 13.13
C LEU A 75 -10.43 17.25 12.12
N ILE A 76 -11.58 16.65 11.86
CA ILE A 76 -12.59 17.24 10.95
C ILE A 76 -13.05 18.59 11.51
N THR A 77 -13.29 18.69 12.82
CA THR A 77 -13.69 19.98 13.43
C THR A 77 -12.65 21.04 13.09
N LEU A 78 -11.38 20.71 13.23
CA LEU A 78 -10.29 21.68 12.94
C LEU A 78 -10.22 21.98 11.44
N ALA A 79 -10.39 20.97 10.58
CA ALA A 79 -10.39 21.14 9.12
C ALA A 79 -11.51 22.10 8.71
N LYS A 80 -12.68 21.97 9.31
CA LYS A 80 -13.83 22.85 9.00
C LYS A 80 -13.55 24.26 9.51
N CSS A 81 -13.02 24.37 10.74
CA CSS A 81 -12.76 25.65 11.36
CB CSS A 81 -12.30 25.45 12.79
SG CSS A 81 -11.72 26.96 13.59
SD CSS A 81 -13.45 27.95 14.06
C CSS A 81 -11.76 26.45 10.53
O CSS A 81 -11.99 27.61 10.20
N HIS A 82 -10.61 25.84 10.24
CA HIS A 82 -9.50 26.55 9.63
C HIS A 82 -9.55 26.48 8.10
N GLU A 83 -10.40 25.61 7.55
CA GLU A 83 -10.60 25.43 6.09
C GLU A 83 -9.38 24.78 5.46
N PHE A 84 -9.26 23.47 5.64
CA PHE A 84 -8.26 22.65 4.91
C PHE A 84 -8.87 21.29 4.66
N LEU A 85 -8.38 20.62 3.63
N LEU A 85 -8.39 20.61 3.63
CA LEU A 85 -8.78 19.22 3.31
CA LEU A 85 -8.84 19.23 3.35
C LEU A 85 -7.95 18.24 4.14
C LEU A 85 -7.96 18.23 4.10
N ILE A 86 -8.53 17.06 4.37
CA ILE A 86 -7.80 15.92 4.97
C ILE A 86 -7.49 14.92 3.85
N PHE A 87 -6.22 14.57 3.72
CA PHE A 87 -5.71 13.64 2.71
C PHE A 87 -5.04 12.48 3.44
N GLU A 88 -5.63 11.29 3.37
CA GLU A 88 -4.99 10.07 3.93
C GLU A 88 -4.12 9.45 2.84
N ASP A 89 -2.82 9.46 3.10
CA ASP A 89 -1.76 9.03 2.15
C ASP A 89 -1.59 7.51 2.26
N ARG A 90 -2.66 6.78 1.97
CA ARG A 90 -2.73 5.31 2.17
C ARG A 90 -2.09 4.56 1.00
OH ALY A 91 4.32 6.75 -3.52
CH ALY A 91 5.00 6.83 -2.49
CH3 ALY A 91 6.50 6.78 -2.53
NZ ALY A 91 4.46 7.04 -1.29
CE ALY A 91 3.02 7.15 -1.07
CD ALY A 91 2.38 5.74 -1.06
CG ALY A 91 0.86 5.83 -0.87
CB ALY A 91 0.22 4.47 -1.12
CA ALY A 91 -1.31 4.55 -1.30
N ALY A 91 -1.96 5.19 -0.16
C ALY A 91 -1.91 3.17 -1.58
O ALY A 91 -1.22 2.14 -1.66
N PHE A 92 -3.23 3.15 -1.76
CA PHE A 92 -3.90 1.93 -2.13
C PHE A 92 -3.23 1.32 -3.37
N ALA A 93 -3.07 0.00 -3.37
CA ALA A 93 -2.17 -0.62 -4.37
C ALA A 93 -2.47 -2.11 -4.53
N ASP A 94 -3.73 -2.48 -4.37
CA ASP A 94 -4.19 -3.88 -4.43
C ASP A 94 -5.23 -4.00 -5.54
N ILE A 95 -5.74 -5.19 -5.73
CA ILE A 95 -6.84 -5.41 -6.70
C ILE A 95 -8.07 -4.61 -6.24
N GLY A 96 -8.92 -4.27 -7.20
CA GLY A 96 -10.11 -3.44 -6.92
C GLY A 96 -10.97 -4.02 -5.80
N ASN A 97 -11.18 -5.33 -5.78
CA ASN A 97 -12.09 -5.94 -4.79
C ASN A 97 -11.55 -5.72 -3.37
N THR A 98 -10.23 -5.76 -3.21
CA THR A 98 -9.62 -5.60 -1.88
C THR A 98 -9.62 -4.12 -1.48
N VAL A 99 -9.21 -3.23 -2.37
CA VAL A 99 -9.06 -1.81 -1.95
C VAL A 99 -10.42 -1.23 -1.56
N LYS A 100 -11.52 -1.69 -2.16
CA LYS A 100 -12.84 -1.12 -1.76
C LYS A 100 -13.05 -1.35 -0.26
N LYS A 101 -12.66 -2.52 0.25
N LYS A 101 -12.69 -2.53 0.25
CA LYS A 101 -12.84 -2.88 1.67
CA LYS A 101 -12.86 -2.87 1.69
C LYS A 101 -11.83 -2.13 2.54
C LYS A 101 -11.83 -2.10 2.54
N GLN A 102 -10.61 -1.95 2.04
CA GLN A 102 -9.57 -1.23 2.81
C GLN A 102 -9.93 0.25 2.94
N TYR A 103 -10.68 0.78 1.99
CA TYR A 103 -11.06 2.20 1.97
C TYR A 103 -12.29 2.44 2.85
N GLU A 104 -13.29 1.58 2.77
CA GLU A 104 -14.55 1.80 3.51
C GLU A 104 -14.48 1.27 4.93
N GLY A 105 -13.82 0.13 5.14
CA GLY A 105 -14.04 -0.67 6.35
C GLY A 105 -12.84 -0.76 7.26
N GLY A 106 -12.74 -1.89 7.93
CA GLY A 106 -11.74 -2.10 8.98
C GLY A 106 -11.91 -1.12 10.12
N ILE A 107 -10.85 -0.98 10.92
N ILE A 107 -10.86 -0.94 10.91
CA ILE A 107 -10.83 -0.06 12.09
CA ILE A 107 -10.95 -0.06 12.09
C ILE A 107 -10.87 1.39 11.60
C ILE A 107 -10.79 1.40 11.65
N PHE A 108 -10.16 1.71 10.50
CA PHE A 108 -9.89 3.12 10.17
C PHE A 108 -11.09 3.79 9.51
N LYS A 109 -11.93 3.06 8.78
CA LYS A 109 -13.05 3.65 8.01
C LYS A 109 -12.57 4.91 7.29
N ILE A 110 -11.52 4.78 6.49
CA ILE A 110 -10.85 5.97 5.88
C ILE A 110 -11.87 6.83 5.12
N ALA A 111 -12.72 6.24 4.30
CA ALA A 111 -13.66 7.02 3.45
C ALA A 111 -14.59 7.90 4.29
N SER A 112 -14.83 7.54 5.55
N SER A 112 -14.82 7.53 5.55
CA SER A 112 -15.77 8.30 6.41
CA SER A 112 -15.75 8.26 6.46
C SER A 112 -15.21 9.68 6.76
C SER A 112 -15.20 9.63 6.87
N TRP A 113 -13.88 9.85 6.76
CA TRP A 113 -13.26 11.13 7.22
C TRP A 113 -12.27 11.74 6.22
N ALA A 114 -11.75 11.00 5.24
CA ALA A 114 -10.72 11.54 4.34
C ALA A 114 -11.38 12.17 3.11
N ASP A 115 -11.15 13.46 2.90
CA ASP A 115 -11.60 14.13 1.64
C ASP A 115 -10.91 13.48 0.44
N LEU A 116 -9.61 13.22 0.58
CA LEU A 116 -8.74 12.68 -0.48
C LEU A 116 -8.02 11.45 0.03
N VAL A 117 -7.84 10.49 -0.87
CA VAL A 117 -6.88 9.38 -0.72
C VAL A 117 -6.03 9.34 -1.99
N ASN A 118 -5.06 8.45 -2.02
CA ASN A 118 -4.25 8.24 -3.22
C ASN A 118 -4.09 6.75 -3.49
N ALA A 119 -3.67 6.47 -4.71
CA ALA A 119 -3.49 5.10 -5.19
C ALA A 119 -2.29 5.03 -6.12
N HIS A 120 -1.59 3.90 -6.05
CA HIS A 120 -0.61 3.51 -7.07
C HIS A 120 -1.35 2.97 -8.30
N VAL A 121 -0.78 3.17 -9.47
CA VAL A 121 -1.42 2.76 -10.74
C VAL A 121 -0.91 1.39 -11.18
N VAL A 122 0.11 0.86 -10.54
CA VAL A 122 0.76 -0.41 -10.96
C VAL A 122 -0.24 -1.57 -11.07
N PRO A 123 -1.32 -1.71 -10.25
CA PRO A 123 -2.22 -2.86 -10.43
C PRO A 123 -3.14 -2.77 -11.65
N GLY A 124 -3.14 -1.63 -12.34
CA GLY A 124 -4.10 -1.36 -13.42
C GLY A 124 -5.33 -0.65 -12.88
N SER A 125 -6.23 -0.28 -13.78
CA SER A 125 -7.33 0.66 -13.46
C SER A 125 -8.34 0.06 -12.49
N GLY A 126 -8.35 -1.25 -12.27
CA GLY A 126 -9.22 -1.86 -11.25
C GLY A 126 -9.01 -1.24 -9.87
N VAL A 127 -7.81 -0.76 -9.55
CA VAL A 127 -7.58 -0.12 -8.23
C VAL A 127 -8.46 1.13 -8.13
N VAL A 128 -8.56 1.89 -9.21
CA VAL A 128 -9.40 3.13 -9.21
C VAL A 128 -10.88 2.74 -9.19
N LYS A 129 -11.27 1.77 -10.01
N LYS A 129 -11.26 1.75 -10.00
CA LYS A 129 -12.69 1.32 -10.08
CA LYS A 129 -12.68 1.32 -10.09
C LYS A 129 -13.13 0.86 -8.70
C LYS A 129 -13.17 0.78 -8.74
N GLY A 130 -12.31 0.08 -8.00
CA GLY A 130 -12.68 -0.40 -6.65
C GLY A 130 -12.86 0.76 -5.69
N LEU A 131 -11.89 1.67 -5.65
CA LEU A 131 -11.99 2.83 -4.74
C LEU A 131 -13.23 3.67 -5.07
N GLN A 132 -13.45 3.94 -6.35
N GLN A 132 -13.54 3.81 -6.36
CA GLN A 132 -14.48 4.94 -6.78
CA GLN A 132 -14.69 4.62 -6.84
C GLN A 132 -15.87 4.43 -6.38
C GLN A 132 -16.00 4.00 -6.34
N GLU A 133 -16.06 3.11 -6.24
N GLU A 133 -16.11 2.68 -6.25
CA GLU A 133 -17.36 2.47 -5.87
CA GLU A 133 -17.36 2.06 -5.71
C GLU A 133 -17.72 2.77 -4.40
C GLU A 133 -17.73 2.80 -4.42
N VAL A 134 -16.73 3.08 -3.58
CA VAL A 134 -16.94 3.63 -2.21
C VAL A 134 -16.90 5.16 -2.28
N GLY A 135 -15.92 5.72 -2.99
CA GLY A 135 -15.63 7.15 -2.92
C GLY A 135 -16.65 8.03 -3.63
N LEU A 136 -17.17 7.57 -4.77
N LEU A 136 -17.20 7.57 -4.75
CA LEU A 136 -18.14 8.39 -5.54
CA LEU A 136 -18.12 8.44 -5.52
C LEU A 136 -19.38 8.64 -4.68
C LEU A 136 -19.43 8.64 -4.75
N PRO A 137 -20.05 7.61 -4.12
CA PRO A 137 -21.21 7.86 -3.27
C PRO A 137 -20.92 8.74 -2.05
N LEU A 138 -19.68 8.73 -1.58
CA LEU A 138 -19.28 9.53 -0.40
C LEU A 138 -18.67 10.87 -0.83
N HIS A 139 -18.78 11.23 -2.11
N HIS A 139 -18.74 11.20 -2.11
CA HIS A 139 -18.38 12.56 -2.68
CA HIS A 139 -18.39 12.55 -2.58
C HIS A 139 -16.89 12.81 -2.44
C HIS A 139 -16.90 12.80 -2.31
N ARG A 140 -16.07 11.77 -2.47
CA ARG A 140 -14.62 11.88 -2.20
C ARG A 140 -13.84 12.03 -3.50
N GLY A 141 -12.56 12.37 -3.35
CA GLY A 141 -11.62 12.43 -4.48
C GLY A 141 -10.40 11.56 -4.24
N CYS A 142 -9.70 11.29 -5.32
CA CYS A 142 -8.51 10.42 -5.34
C CYS A 142 -7.37 11.08 -6.13
N LEU A 143 -6.14 10.86 -5.67
CA LEU A 143 -4.93 11.27 -6.40
C LEU A 143 -4.21 10.01 -6.88
N LEU A 144 -3.71 10.03 -8.11
CA LEU A 144 -2.89 8.90 -8.60
C LEU A 144 -1.40 9.25 -8.51
N ILE A 145 -0.61 8.26 -8.12
CA ILE A 145 0.83 8.46 -7.90
C ILE A 145 1.54 8.28 -9.24
N ALA A 146 1.85 9.40 -9.89
CA ALA A 146 2.44 9.40 -11.24
C ALA A 146 3.97 9.42 -11.18
N GLU A 147 4.54 10.06 -10.16
CA GLU A 147 6.00 10.14 -9.94
C GLU A 147 6.20 10.09 -8.44
N MET A 148 7.38 9.62 -8.02
N MET A 148 7.34 9.55 -8.02
CA MET A 148 7.73 9.41 -6.60
CA MET A 148 7.70 9.48 -6.58
C MET A 148 9.08 10.07 -6.31
C MET A 148 9.01 10.21 -6.34
N SER A 149 9.23 10.60 -5.09
CA SER A 149 10.40 11.43 -4.70
C SER A 149 11.63 10.58 -4.38
N SER A 150 11.47 9.27 -4.25
CA SER A 150 12.50 8.41 -3.64
C SER A 150 13.49 7.87 -4.68
N THR A 151 14.71 7.63 -4.23
CA THR A 151 15.80 7.14 -5.09
C THR A 151 15.45 5.75 -5.64
N GLY A 152 15.56 5.59 -6.95
CA GLY A 152 15.27 4.31 -7.61
C GLY A 152 13.81 4.18 -8.00
N SER A 153 13.00 5.22 -7.82
CA SER A 153 11.59 5.20 -8.26
C SER A 153 11.47 4.65 -9.69
N LEU A 154 10.54 3.74 -9.92
CA LEU A 154 10.27 3.18 -11.26
C LEU A 154 9.10 3.94 -11.91
N ALA A 155 8.61 5.00 -11.27
CA ALA A 155 7.45 5.78 -11.77
C ALA A 155 7.97 6.87 -12.70
N THR A 156 8.42 6.43 -13.88
CA THR A 156 9.04 7.30 -14.91
C THR A 156 8.52 6.87 -16.28
N GLY A 157 8.71 7.72 -17.28
CA GLY A 157 8.45 7.41 -18.70
C GLY A 157 7.03 6.90 -18.89
N ASP A 158 6.90 5.69 -19.46
CA ASP A 158 5.60 5.08 -19.81
C ASP A 158 4.72 4.91 -18.55
N TYR A 159 5.32 4.67 -17.40
CA TYR A 159 4.56 4.49 -16.13
C TYR A 159 3.80 5.78 -15.81
N THR A 160 4.52 6.90 -15.83
CA THR A 160 3.93 8.24 -15.57
C THR A 160 2.83 8.51 -16.59
N ARG A 161 3.07 8.23 -17.88
CA ARG A 161 2.05 8.43 -18.94
C ARG A 161 0.82 7.57 -18.64
N ALA A 162 1.00 6.34 -18.17
CA ALA A 162 -0.14 5.46 -17.84
C ALA A 162 -0.94 6.06 -16.67
N ALA A 163 -0.28 6.65 -15.68
CA ALA A 163 -0.99 7.27 -14.54
C ALA A 163 -1.84 8.44 -15.03
N VAL A 164 -1.29 9.26 -15.92
CA VAL A 164 -2.03 10.43 -16.46
C VAL A 164 -3.25 9.94 -17.26
N ARG A 165 -3.09 8.92 -18.10
CA ARG A 165 -4.23 8.38 -18.87
C ARG A 165 -5.30 7.85 -17.91
N MET A 166 -4.89 7.10 -16.89
CA MET A 166 -5.85 6.50 -15.95
C MET A 166 -6.62 7.61 -15.23
N ALA A 167 -5.96 8.71 -14.87
CA ALA A 167 -6.61 9.85 -14.19
C ALA A 167 -7.62 10.50 -15.14
N GLU A 168 -7.20 10.75 -16.37
N GLU A 168 -7.17 10.85 -16.35
CA GLU A 168 -8.01 11.55 -17.32
CA GLU A 168 -8.00 11.47 -17.41
C GLU A 168 -9.22 10.70 -17.76
C GLU A 168 -9.31 10.69 -17.54
N GLU A 169 -9.17 9.37 -17.61
CA GLU A 169 -10.28 8.43 -17.94
C GLU A 169 -11.18 8.17 -16.73
N HIS A 170 -10.82 8.64 -15.53
CA HIS A 170 -11.61 8.45 -14.29
C HIS A 170 -11.81 9.80 -13.59
N SER A 171 -12.09 10.85 -14.37
CA SER A 171 -12.13 12.25 -13.86
C SER A 171 -13.34 12.49 -12.95
N GLU A 172 -14.31 11.58 -12.90
CA GLU A 172 -15.43 11.68 -11.93
C GLU A 172 -14.93 11.50 -10.49
N PHE A 173 -13.77 10.87 -10.32
CA PHE A 173 -13.25 10.53 -8.97
C PHE A 173 -11.80 10.98 -8.79
N VAL A 174 -10.98 10.86 -9.82
CA VAL A 174 -9.55 11.24 -9.74
C VAL A 174 -9.44 12.74 -9.99
N VAL A 175 -8.85 13.46 -9.04
CA VAL A 175 -8.78 14.94 -9.06
C VAL A 175 -7.35 15.41 -9.29
N GLY A 176 -6.39 14.51 -9.38
CA GLY A 176 -5.01 14.95 -9.58
C GLY A 176 -4.01 13.87 -9.25
N PHE A 177 -2.80 14.31 -8.98
CA PHE A 177 -1.60 13.46 -8.92
C PHE A 177 -0.76 13.78 -7.71
N ILE A 178 -0.09 12.74 -7.24
CA ILE A 178 1.21 12.87 -6.55
C ILE A 178 2.26 12.81 -7.65
N SER A 179 3.06 13.85 -7.76
CA SER A 179 4.06 13.94 -8.84
C SER A 179 5.18 14.88 -8.40
N GLY A 180 6.27 14.89 -9.15
CA GLY A 180 7.38 15.81 -8.90
C GLY A 180 7.29 17.09 -9.71
N SER A 181 6.27 17.16 -10.56
N SER A 181 6.43 17.07 -10.75
CA SER A 181 6.18 18.15 -11.66
CA SER A 181 6.28 18.14 -11.76
C SER A 181 4.74 18.15 -12.20
C SER A 181 4.84 18.10 -12.29
N ARG A 182 4.45 19.14 -13.04
CA ARG A 182 3.22 19.08 -13.86
C ARG A 182 3.36 17.89 -14.80
N VAL A 183 2.44 16.94 -14.73
CA VAL A 183 2.42 15.75 -15.64
C VAL A 183 1.21 15.79 -16.57
N SER A 184 0.12 16.46 -16.19
CA SER A 184 -1.09 16.63 -17.03
C SER A 184 -1.13 18.07 -17.51
N MET A 185 -1.50 18.25 -18.77
CA MET A 185 -1.72 19.59 -19.38
C MET A 185 -3.15 20.07 -19.12
N LYS A 186 -3.98 19.27 -18.46
CA LYS A 186 -5.40 19.64 -18.18
C LYS A 186 -5.46 20.36 -16.84
N PRO A 187 -5.88 21.66 -16.80
CA PRO A 187 -5.79 22.45 -15.57
C PRO A 187 -6.76 22.05 -14.45
N GLU A 188 -7.72 21.18 -14.77
N GLU A 188 -7.72 21.17 -14.74
CA GLU A 188 -8.69 20.62 -13.80
CA GLU A 188 -8.69 20.71 -13.71
C GLU A 188 -7.97 19.75 -12.78
C GLU A 188 -8.04 19.63 -12.83
N PHE A 189 -6.80 19.21 -13.12
CA PHE A 189 -6.07 18.25 -12.26
C PHE A 189 -5.11 19.00 -11.36
N LEU A 190 -5.06 18.57 -10.11
N LEU A 190 -5.12 18.67 -10.07
CA LEU A 190 -4.12 19.07 -9.08
CA LEU A 190 -4.12 19.18 -9.10
C LEU A 190 -2.79 18.31 -9.16
C LEU A 190 -2.82 18.36 -9.25
N HIS A 191 -1.68 19.01 -8.99
CA HIS A 191 -0.36 18.35 -8.82
C HIS A 191 0.14 18.63 -7.42
N LEU A 192 0.33 17.58 -6.62
CA LEU A 192 0.88 17.67 -5.25
C LEU A 192 2.25 17.02 -5.23
N THR A 193 3.24 17.73 -4.68
CA THR A 193 4.64 17.29 -4.74
C THR A 193 5.23 17.15 -3.34
N PRO A 194 5.56 15.91 -2.93
CA PRO A 194 6.33 15.66 -1.73
C PRO A 194 7.83 15.64 -2.08
N GLY A 195 8.66 15.37 -1.08
CA GLY A 195 10.12 15.50 -1.24
C GLY A 195 10.52 16.96 -1.33
N VAL A 196 10.05 17.77 -0.38
CA VAL A 196 10.27 19.24 -0.40
C VAL A 196 10.92 19.67 0.92
N GLN A 197 12.02 20.40 0.79
CA GLN A 197 12.66 21.14 1.91
C GLN A 197 13.31 22.39 1.34
N LEU A 198 13.53 23.39 2.18
CA LEU A 198 14.21 24.63 1.72
C LEU A 198 15.67 24.31 1.41
N GLU A 199 16.33 23.47 2.21
CA GLU A 199 17.76 23.13 2.02
C GLU A 199 17.91 21.88 1.17
N ALA A 200 19.02 21.79 0.43
CA ALA A 200 19.39 20.59 -0.33
C ALA A 200 19.61 19.44 0.67
N GLY A 201 19.28 18.23 0.22
CA GLY A 201 19.59 17.01 0.99
C GLY A 201 18.58 15.91 0.76
N GLY A 202 18.52 15.01 1.72
CA GLY A 202 17.73 13.79 1.63
C GLY A 202 17.65 13.15 2.99
N ASP A 203 17.20 11.90 3.06
CA ASP A 203 17.33 11.12 4.31
C ASP A 203 18.18 9.88 3.99
N ASN A 204 18.27 9.01 4.99
N ASN A 204 18.38 9.00 4.96
CA ASN A 204 19.12 7.79 5.00
CA ASN A 204 19.24 7.80 4.74
C ASN A 204 18.42 6.63 4.30
C ASN A 204 18.37 6.59 4.42
N LEU A 205 17.17 6.81 3.87
CA LEU A 205 16.31 5.72 3.33
C LEU A 205 15.69 6.16 2.01
N GLY A 206 16.46 6.87 1.19
CA GLY A 206 16.10 7.11 -0.22
C GLY A 206 15.25 8.35 -0.46
N GLN A 207 14.87 9.12 0.56
CA GLN A 207 14.13 10.39 0.29
C GLN A 207 15.10 11.39 -0.33
N GLN A 208 14.61 12.12 -1.31
CA GLN A 208 15.36 13.21 -1.99
C GLN A 208 14.54 14.49 -1.91
N TYR A 209 15.19 15.62 -1.62
CA TYR A 209 14.50 16.91 -1.46
C TYR A 209 14.81 17.86 -2.62
N ASN A 210 13.79 18.61 -2.98
CA ASN A 210 13.89 19.79 -3.86
C ASN A 210 13.15 20.95 -3.18
N SER A 211 13.46 22.17 -3.59
CA SER A 211 12.92 23.37 -2.92
C SER A 211 11.53 23.70 -3.46
N PRO A 212 10.72 24.45 -2.69
CA PRO A 212 9.46 24.95 -3.21
C PRO A 212 9.60 25.74 -4.52
N GLN A 213 10.63 26.58 -4.63
CA GLN A 213 10.84 27.35 -5.87
C GLN A 213 11.04 26.39 -7.04
N GLU A 214 11.84 25.34 -6.85
CA GLU A 214 12.10 24.36 -7.93
C GLU A 214 10.78 23.66 -8.31
N VAL A 215 10.04 23.13 -7.34
CA VAL A 215 8.93 22.21 -7.71
C VAL A 215 7.70 23.01 -8.16
N ILE A 216 7.41 24.15 -7.56
CA ILE A 216 6.23 24.99 -7.93
C ILE A 216 6.62 25.87 -9.11
N GLY A 217 7.75 26.57 -9.02
CA GLY A 217 8.13 27.58 -10.00
C GLY A 217 8.65 26.95 -11.29
N LYS A 218 9.66 26.09 -11.20
CA LYS A 218 10.34 25.54 -12.40
C LYS A 218 9.59 24.30 -12.91
N ARG A 219 9.12 23.42 -12.03
CA ARG A 219 8.52 22.12 -12.45
C ARG A 219 7.00 22.23 -12.58
N GLY A 220 6.39 23.34 -12.17
CA GLY A 220 4.98 23.65 -12.47
C GLY A 220 3.96 22.91 -11.63
N SER A 221 4.35 22.39 -10.47
N SER A 221 4.35 22.37 -10.47
CA SER A 221 3.40 21.71 -9.57
CA SER A 221 3.42 21.70 -9.53
C SER A 221 2.54 22.75 -8.83
C SER A 221 2.55 22.74 -8.83
N ASP A 222 1.47 22.30 -8.17
CA ASP A 222 0.52 23.23 -7.52
C ASP A 222 0.76 23.36 -6.02
N ILE A 223 1.01 22.24 -5.36
CA ILE A 223 1.01 22.13 -3.88
C ILE A 223 2.30 21.45 -3.45
N ILE A 224 2.93 21.96 -2.39
CA ILE A 224 4.07 21.24 -1.77
C ILE A 224 3.55 20.45 -0.56
N ILE A 225 4.06 19.23 -0.42
CA ILE A 225 3.82 18.36 0.76
C ILE A 225 5.11 18.36 1.57
N VAL A 226 5.03 18.79 2.81
CA VAL A 226 6.22 18.98 3.68
C VAL A 226 5.98 18.29 5.01
N GLY A 227 6.84 17.33 5.34
CA GLY A 227 6.83 16.63 6.64
C GLY A 227 7.94 17.18 7.53
N ARG A 228 9.06 16.48 7.58
CA ARG A 228 10.16 16.78 8.54
C ARG A 228 10.65 18.23 8.46
N GLY A 229 10.64 18.86 7.29
CA GLY A 229 11.06 20.28 7.20
C GLY A 229 10.28 21.16 8.14
N ILE A 230 9.02 20.80 8.42
CA ILE A 230 8.19 21.49 9.43
C ILE A 230 8.25 20.72 10.76
N ILE A 231 7.93 19.42 10.72
N ILE A 231 7.91 19.43 10.78
CA ILE A 231 7.62 18.64 11.95
CA ILE A 231 7.59 18.76 12.07
C ILE A 231 8.84 18.61 12.89
C ILE A 231 8.84 18.52 12.93
N SER A 232 10.06 18.52 12.35
CA SER A 232 11.29 18.39 13.16
C SER A 232 11.79 19.76 13.63
N ALA A 233 11.25 20.86 13.10
CA ALA A 233 11.64 22.21 13.51
C ALA A 233 11.14 22.49 14.93
N ALA A 234 11.79 23.39 15.65
CA ALA A 234 11.32 23.75 17.00
C ALA A 234 9.99 24.48 16.88
N ASP A 235 9.95 25.56 16.11
CA ASP A 235 8.72 26.37 15.91
C ASP A 235 8.05 25.90 14.62
N ARG A 236 7.10 24.99 14.73
CA ARG A 236 6.45 24.38 13.54
C ARG A 236 5.55 25.43 12.86
N LEU A 237 5.03 26.42 13.60
CA LEU A 237 4.19 27.46 12.96
C LEU A 237 5.06 28.34 12.07
N GLU A 238 6.18 28.84 12.58
CA GLU A 238 7.08 29.66 11.74
C GLU A 238 7.59 28.84 10.56
N ALA A 239 7.92 27.56 10.77
CA ALA A 239 8.39 26.72 9.65
C ALA A 239 7.29 26.63 8.59
N ALA A 240 6.05 26.38 9.01
CA ALA A 240 4.92 26.28 8.07
C ALA A 240 4.78 27.58 7.29
N GLU A 241 4.92 28.72 7.96
CA GLU A 241 4.80 30.04 7.29
C GLU A 241 5.93 30.23 6.27
N MET A 242 7.15 29.77 6.57
N MET A 242 7.16 29.80 6.59
CA MET A 242 8.27 29.90 5.60
CA MET A 242 8.29 29.87 5.62
C MET A 242 7.95 29.05 4.37
C MET A 242 7.91 29.06 4.37
N TYR A 243 7.43 27.83 4.56
CA TYR A 243 7.08 26.95 3.42
C TYR A 243 5.89 27.53 2.65
N ARG A 244 4.89 28.05 3.36
CA ARG A 244 3.72 28.64 2.69
C ARG A 244 4.15 29.83 1.82
N LYS A 245 4.95 30.73 2.38
CA LYS A 245 5.37 31.93 1.62
C LYS A 245 6.21 31.52 0.42
N ALA A 246 7.08 30.53 0.57
CA ALA A 246 7.93 30.05 -0.54
C ALA A 246 7.04 29.50 -1.66
N ALA A 247 6.11 28.60 -1.32
CA ALA A 247 5.29 27.94 -2.36
C ALA A 247 4.34 28.97 -3.00
N TRP A 248 3.81 29.90 -2.22
CA TRP A 248 2.82 30.87 -2.73
C TRP A 248 3.52 31.82 -3.70
N GLU A 249 4.69 32.34 -3.35
CA GLU A 249 5.40 33.28 -4.24
C GLU A 249 5.83 32.56 -5.52
N ALA A 250 6.27 31.31 -5.42
CA ALA A 250 6.69 30.53 -6.61
C ALA A 250 5.48 30.40 -7.56
N TYR A 251 4.31 30.16 -6.99
CA TYR A 251 3.05 30.06 -7.77
C TYR A 251 2.74 31.42 -8.45
N LEU A 252 2.80 32.51 -7.68
CA LEU A 252 2.48 33.85 -8.23
C LEU A 252 3.41 34.18 -9.38
N SER A 253 4.70 33.85 -9.27
N SER A 253 4.70 33.87 -9.21
CA SER A 253 5.73 34.25 -10.27
CA SER A 253 5.79 34.11 -10.20
C SER A 253 5.55 33.47 -11.57
C SER A 253 5.38 33.54 -11.55
N ARG A 254 4.91 32.30 -11.53
CA ARG A 254 4.61 31.52 -12.76
C ARG A 254 3.37 32.09 -13.46
N LEU A 255 2.44 32.72 -12.73
CA LEU A 255 1.21 33.34 -13.29
C LEU A 255 1.56 34.58 -14.12
N GLY A 256 2.47 35.42 -13.60
CA GLY A 256 2.86 36.70 -14.19
C GLY A 256 1.77 37.74 -14.01
N GLU B 1 16.06 -29.45 -10.45
CA GLU B 1 14.96 -28.97 -9.56
C GLU B 1 14.94 -29.76 -8.25
N LEU B 2 14.86 -29.06 -7.13
CA LEU B 2 14.87 -29.65 -5.77
C LEU B 2 13.46 -29.64 -5.19
N SER B 3 13.18 -30.63 -4.34
CA SER B 3 11.97 -30.68 -3.49
C SER B 3 11.93 -29.48 -2.55
N PHE B 4 10.76 -29.17 -2.03
CA PHE B 4 10.63 -28.15 -0.98
C PHE B 4 11.56 -28.50 0.19
N GLY B 5 11.61 -29.77 0.61
CA GLY B 5 12.42 -30.19 1.77
C GLY B 5 13.90 -29.94 1.52
N ALA B 6 14.38 -30.17 0.30
CA ALA B 6 15.80 -29.93 -0.03
C ALA B 6 16.03 -28.41 -0.14
N ARG B 7 15.10 -27.65 -0.71
CA ARG B 7 15.28 -26.19 -0.79
C ARG B 7 15.37 -25.60 0.62
N ALA B 8 14.70 -26.19 1.60
CA ALA B 8 14.73 -25.71 3.00
C ALA B 8 16.16 -25.76 3.57
N GLU B 9 17.05 -26.55 2.96
CA GLU B 9 18.42 -26.74 3.47
C GLU B 9 19.44 -25.95 2.65
N LEU B 10 19.03 -25.21 1.61
CA LEU B 10 20.02 -24.52 0.74
C LEU B 10 20.89 -23.59 1.57
N PRO B 11 22.19 -23.47 1.23
CA PRO B 11 23.11 -22.61 1.98
C PRO B 11 22.61 -21.18 2.23
N ARG B 12 21.99 -20.57 1.22
CA ARG B 12 21.60 -19.14 1.27
C ARG B 12 20.14 -18.99 1.70
N ILE B 13 19.48 -20.07 2.14
CA ILE B 13 18.04 -20.00 2.51
C ILE B 13 17.87 -19.06 3.71
N HIS B 14 16.82 -18.27 3.68
CA HIS B 14 16.42 -17.44 4.84
C HIS B 14 15.72 -18.35 5.86
N PRO B 15 15.92 -18.14 7.17
CA PRO B 15 15.24 -18.97 8.17
C PRO B 15 13.72 -19.02 8.03
N VAL B 16 13.09 -17.94 7.61
CA VAL B 16 11.60 -17.95 7.49
C VAL B 16 11.22 -18.83 6.30
N ALA B 17 11.94 -18.72 5.19
CA ALA B 17 11.73 -19.56 4.00
C ALA B 17 11.96 -21.03 4.38
N SER B 18 13.02 -21.32 5.13
N SER B 18 13.00 -21.34 5.15
CA SER B 18 13.34 -22.71 5.54
CA SER B 18 13.33 -22.76 5.51
C SER B 18 12.18 -23.29 6.34
C SER B 18 12.22 -23.33 6.40
N LYS B 19 11.69 -22.55 7.34
CA LYS B 19 10.57 -22.99 8.21
C LYS B 19 9.36 -23.33 7.33
N LEU B 20 9.06 -22.43 6.40
CA LEU B 20 7.91 -22.61 5.49
C LEU B 20 8.10 -23.87 4.63
N LEU B 21 9.25 -23.98 3.99
CA LEU B 21 9.50 -25.11 3.05
C LEU B 21 9.45 -26.44 3.80
N ARG B 22 9.94 -26.49 5.04
N ARG B 22 9.96 -26.49 5.03
CA ARG B 22 9.92 -27.73 5.85
CA ARG B 22 9.92 -27.74 5.83
C ARG B 22 8.46 -28.12 6.15
C ARG B 22 8.45 -28.11 6.09
N LEU B 23 7.60 -27.17 6.52
CA LEU B 23 6.20 -27.53 6.87
C LEU B 23 5.40 -27.82 5.59
N MET B 24 5.77 -27.22 4.47
CA MET B 24 5.12 -27.55 3.17
C MET B 24 5.36 -29.03 2.85
N GLN B 25 6.61 -29.46 2.98
N GLN B 25 6.61 -29.48 2.96
CA GLN B 25 7.02 -30.86 2.72
CA GLN B 25 6.95 -30.90 2.67
C GLN B 25 6.35 -31.80 3.72
C GLN B 25 6.30 -31.80 3.71
N LYS B 26 6.38 -31.46 5.00
CA LYS B 26 5.83 -32.31 6.07
C LYS B 26 4.32 -32.53 5.86
N LYS B 27 3.61 -31.46 5.53
CA LYS B 27 2.12 -31.50 5.49
C LYS B 27 1.59 -31.75 4.07
N GLU B 28 2.46 -31.80 3.07
CA GLU B 28 2.06 -31.94 1.64
C GLU B 28 1.07 -30.82 1.30
N THR B 29 1.44 -29.59 1.60
CA THR B 29 0.61 -28.44 1.19
C THR B 29 1.49 -27.29 0.70
N ASN B 30 1.08 -26.75 -0.44
CA ASN B 30 1.63 -25.49 -1.01
C ASN B 30 0.45 -24.54 -1.26
N LEU B 31 -0.55 -24.62 -0.39
CA LEU B 31 -1.72 -23.72 -0.43
C LEU B 31 -1.59 -22.64 0.64
N CYS B 32 -1.76 -21.39 0.23
CA CYS B 32 -1.92 -20.22 1.11
C CYS B 32 -3.40 -19.78 1.07
N LEU B 33 -4.07 -19.86 2.20
CA LEU B 33 -5.46 -19.34 2.31
C LEU B 33 -5.40 -17.82 2.35
N SER B 34 -6.14 -17.16 1.47
CA SER B 34 -6.38 -15.71 1.56
C SER B 34 -7.63 -15.47 2.39
N ALA B 35 -7.47 -15.21 3.67
CA ALA B 35 -8.56 -15.16 4.67
C ALA B 35 -9.25 -13.80 4.59
N ASP B 36 -9.95 -13.56 3.48
CA ASP B 36 -10.50 -12.23 3.18
C ASP B 36 -11.89 -12.11 3.78
N VAL B 37 -11.91 -11.95 5.08
CA VAL B 37 -13.14 -11.86 5.91
C VAL B 37 -13.03 -10.61 6.78
N SER B 38 -14.18 -10.12 7.23
CA SER B 38 -14.27 -8.89 8.03
C SER B 38 -14.43 -9.19 9.53
N LEU B 39 -14.76 -10.44 9.90
N LEU B 39 -14.67 -10.45 9.90
CA LEU B 39 -15.02 -10.86 11.31
CA LEU B 39 -15.06 -10.85 11.29
C LEU B 39 -13.86 -11.68 11.86
C LEU B 39 -13.96 -11.72 11.90
N ALA B 40 -13.37 -11.28 13.02
CA ALA B 40 -12.33 -12.04 13.73
C ALA B 40 -12.78 -13.49 13.96
N ARG B 41 -14.04 -13.70 14.38
CA ARG B 41 -14.50 -15.07 14.70
C ARG B 41 -14.41 -15.93 13.42
N GLU B 42 -14.76 -15.40 12.27
CA GLU B 42 -14.70 -16.20 11.03
C GLU B 42 -13.24 -16.44 10.66
N LEU B 43 -12.38 -15.44 10.82
CA LEU B 43 -10.93 -15.60 10.55
C LEU B 43 -10.39 -16.76 11.39
N LEU B 44 -10.68 -16.75 12.69
CA LEU B 44 -10.12 -17.78 13.60
C LEU B 44 -10.75 -19.15 13.32
N GLN B 45 -12.05 -19.21 13.03
CA GLN B 45 -12.68 -20.51 12.74
C GLN B 45 -12.10 -21.09 11.43
N LEU B 46 -11.85 -20.25 10.42
CA LEU B 46 -11.20 -20.72 9.18
C LEU B 46 -9.77 -21.18 9.49
N ALA B 47 -9.01 -20.40 10.26
CA ALA B 47 -7.60 -20.74 10.56
C ALA B 47 -7.54 -22.10 11.27
N ASP B 48 -8.47 -22.35 12.18
CA ASP B 48 -8.45 -23.62 12.97
C ASP B 48 -8.83 -24.79 12.04
N ALA B 49 -9.91 -24.66 11.29
CA ALA B 49 -10.44 -25.79 10.49
C ALA B 49 -9.53 -26.07 9.29
N LEU B 50 -8.98 -25.02 8.67
CA LEU B 50 -8.18 -25.18 7.44
C LEU B 50 -6.68 -25.26 7.75
N GLY B 51 -6.30 -24.99 8.99
CA GLY B 51 -4.87 -24.96 9.38
C GLY B 51 -4.13 -26.20 8.88
N PRO B 52 -4.64 -27.43 9.11
CA PRO B 52 -3.93 -28.63 8.63
C PRO B 52 -3.72 -28.71 7.12
N SER B 53 -4.53 -27.99 6.34
CA SER B 53 -4.53 -28.04 4.85
C SER B 53 -3.62 -26.98 4.24
N ILE B 54 -3.10 -26.03 5.02
CA ILE B 54 -2.43 -24.83 4.43
C ILE B 54 -1.00 -24.73 4.93
N CYS B 55 -0.15 -24.12 4.12
CA CYS B 55 1.22 -23.77 4.56
C CYS B 55 1.26 -22.35 5.11
N MET B 56 0.22 -21.58 4.86
CA MET B 56 0.26 -20.12 5.11
C MET B 56 -1.17 -19.61 5.13
N LEU B 57 -1.37 -18.61 5.97
CA LEU B 57 -2.64 -17.87 6.03
C LEU B 57 -2.30 -16.41 5.77
N LYS B 58 -2.88 -15.87 4.71
CA LYS B 58 -2.65 -14.46 4.29
C LYS B 58 -3.79 -13.60 4.83
N THR B 59 -3.42 -12.51 5.49
CA THR B 59 -4.37 -11.55 6.09
C THR B 59 -4.37 -10.23 5.32
N HIS B 60 -5.50 -9.54 5.44
CA HIS B 60 -5.59 -8.08 5.26
C HIS B 60 -6.17 -7.55 6.58
N VAL B 61 -5.27 -7.25 7.51
N VAL B 61 -5.35 -7.28 7.59
CA VAL B 61 -5.63 -6.84 8.89
CA VAL B 61 -5.97 -6.95 8.91
C VAL B 61 -6.54 -5.61 8.82
C VAL B 61 -6.65 -5.58 8.82
N ASP B 62 -6.33 -4.75 7.82
CA ASP B 62 -7.03 -3.46 7.68
C ASP B 62 -8.47 -3.61 7.16
N ILE B 63 -8.97 -4.84 6.93
N ILE B 63 -8.94 -4.84 6.93
CA ILE B 63 -10.41 -5.06 6.60
CA ILE B 63 -10.35 -5.12 6.55
C ILE B 63 -11.10 -5.83 7.74
C ILE B 63 -11.09 -5.72 7.75
N LEU B 64 -10.44 -6.05 8.87
N LEU B 64 -10.39 -6.19 8.78
CA LEU B 64 -11.03 -6.77 10.01
CA LEU B 64 -11.07 -6.73 9.99
C LEU B 64 -11.77 -5.77 10.90
C LEU B 64 -11.82 -5.61 10.70
N ASN B 65 -13.11 -5.79 10.88
CA ASN B 65 -13.95 -4.78 11.57
C ASN B 65 -13.63 -4.76 13.06
N ASP B 66 -13.24 -5.89 13.63
CA ASP B 66 -13.03 -6.07 15.08
C ASP B 66 -11.60 -6.52 15.34
N PHE B 67 -10.64 -6.02 14.58
CA PHE B 67 -9.20 -6.21 14.88
C PHE B 67 -8.91 -5.81 16.32
N THR B 68 -8.17 -6.66 17.02
CA THR B 68 -7.38 -6.30 18.22
C THR B 68 -6.09 -7.10 18.17
N LEU B 69 -5.09 -6.71 18.95
CA LEU B 69 -3.86 -7.51 19.02
C LEU B 69 -4.16 -8.88 19.65
N ASP B 70 -5.18 -8.98 20.50
N ASP B 70 -5.19 -8.98 20.48
CA ASP B 70 -5.55 -10.30 21.07
CA ASP B 70 -5.58 -10.28 21.10
C ASP B 70 -6.01 -11.24 19.95
C ASP B 70 -6.11 -11.24 20.03
N VAL B 71 -6.73 -10.74 18.96
CA VAL B 71 -7.15 -11.59 17.81
C VAL B 71 -5.88 -12.19 17.19
N MET B 72 -4.84 -11.37 17.01
N MET B 72 -4.83 -11.39 17.02
CA MET B 72 -3.56 -11.82 16.39
CA MET B 72 -3.60 -11.88 16.35
C MET B 72 -2.91 -12.87 17.29
C MET B 72 -2.85 -12.85 17.29
N LYS B 73 -2.95 -12.69 18.61
CA LYS B 73 -2.42 -13.68 19.57
C LYS B 73 -3.10 -15.04 19.34
N GLU B 74 -4.42 -15.03 19.20
N GLU B 74 -4.43 -15.01 19.20
CA GLU B 74 -5.19 -16.28 18.98
CA GLU B 74 -5.28 -16.21 18.96
C GLU B 74 -4.82 -16.88 17.62
C GLU B 74 -4.89 -16.85 17.62
N LEU B 75 -4.61 -16.03 16.60
CA LEU B 75 -4.20 -16.55 15.27
C LEU B 75 -2.83 -17.22 15.37
N ILE B 76 -1.91 -16.60 16.10
CA ILE B 76 -0.56 -17.20 16.30
C ILE B 76 -0.68 -18.55 17.00
N THR B 77 -1.56 -18.67 18.00
CA THR B 77 -1.77 -19.97 18.69
C THR B 77 -2.13 -21.04 17.64
N LEU B 78 -3.04 -20.70 16.74
CA LEU B 78 -3.49 -21.64 15.68
C LEU B 78 -2.36 -21.91 14.68
N ALA B 79 -1.60 -20.88 14.30
CA ALA B 79 -0.46 -21.03 13.37
C ALA B 79 0.57 -21.99 13.96
N LYS B 80 0.86 -21.87 15.25
CA LYS B 80 1.83 -22.75 15.93
C LYS B 80 1.26 -24.17 16.02
N CYS B 81 -0.01 -24.30 16.39
CA CYS B 81 -0.67 -25.61 16.58
C CYS B 81 -0.66 -26.38 15.26
N HIS B 82 -1.15 -25.76 14.19
CA HIS B 82 -1.37 -26.44 12.89
C HIS B 82 -0.14 -26.34 11.98
N GLU B 83 0.81 -25.47 12.31
CA GLU B 83 2.07 -25.25 11.55
C GLU B 83 1.78 -24.58 10.21
N PHE B 84 1.55 -23.28 10.24
CA PHE B 84 1.49 -22.45 9.02
C PHE B 84 2.06 -21.08 9.36
N LEU B 85 2.55 -20.38 8.35
CA LEU B 85 3.01 -18.99 8.55
C LEU B 85 1.86 -18.01 8.39
N ILE B 86 2.03 -16.85 8.98
CA ILE B 86 1.09 -15.71 8.82
C ILE B 86 1.76 -14.69 7.90
N PHE B 87 1.05 -14.32 6.85
CA PHE B 87 1.51 -13.36 5.83
C PHE B 87 0.51 -12.22 5.78
N GLU B 88 0.93 -11.02 6.20
CA GLU B 88 0.06 -9.81 6.09
C GLU B 88 0.33 -9.16 4.74
N ASP B 89 -0.68 -9.16 3.89
CA ASP B 89 -0.62 -8.69 2.49
C ASP B 89 -0.82 -7.17 2.47
N ARG B 90 0.06 -6.45 3.14
CA ARG B 90 -0.04 -4.99 3.34
C ARG B 90 0.45 -4.21 2.12
OH ALY B 91 -0.06 -6.28 -5.74
CH ALY B 91 -1.28 -6.37 -5.63
CH3 ALY B 91 -2.17 -6.28 -6.83
NZ ALY B 91 -1.88 -6.60 -4.44
CE ALY B 91 -1.13 -6.72 -3.19
CD ALY B 91 -0.76 -5.33 -2.65
CG ALY B 91 0.07 -5.41 -1.37
CB ALY B 91 0.65 -4.04 -1.01
CA ALY B 91 1.75 -4.15 0.06
N ALY B 91 1.29 -4.83 1.27
C ALY B 91 2.35 -2.77 0.37
O ALY B 91 1.96 -1.74 -0.18
N PHE B 92 3.32 -2.76 1.30
CA PHE B 92 4.03 -1.52 1.61
C PHE B 92 4.55 -0.90 0.31
N ALA B 93 4.45 0.41 0.19
CA ALA B 93 4.65 1.06 -1.13
C ALA B 93 4.95 2.55 -0.96
N ASP B 94 5.62 2.90 0.14
CA ASP B 94 5.93 4.30 0.47
C ASP B 94 7.45 4.43 0.59
N ILE B 95 7.90 5.63 0.91
CA ILE B 95 9.35 5.85 1.15
C ILE B 95 9.78 5.05 2.39
N GLY B 96 11.06 4.72 2.43
CA GLY B 96 11.60 3.88 3.52
C GLY B 96 11.25 4.43 4.90
N ASN B 97 11.37 5.74 5.09
CA ASN B 97 11.17 6.32 6.44
C ASN B 97 9.73 6.09 6.91
N THR B 98 8.78 6.12 5.98
CA THR B 98 7.35 5.93 6.31
C THR B 98 7.05 4.45 6.54
N VAL B 99 7.48 3.56 5.66
CA VAL B 99 7.08 2.14 5.79
C VAL B 99 7.65 1.54 7.08
N LYS B 100 8.79 2.02 7.57
CA LYS B 100 9.32 1.44 8.83
C LYS B 100 8.29 1.62 9.95
N LYS B 101 7.66 2.79 10.00
N LYS B 101 7.64 2.79 10.01
CA LYS B 101 6.65 3.14 11.02
CA LYS B 101 6.64 3.08 11.08
C LYS B 101 5.37 2.34 10.78
C LYS B 101 5.34 2.34 10.79
N GLN B 102 4.96 2.21 9.52
CA GLN B 102 3.72 1.48 9.17
C GLN B 102 3.86 -0.01 9.51
N TYR B 103 5.08 -0.52 9.47
CA TYR B 103 5.36 -1.95 9.74
C TYR B 103 5.44 -2.23 11.23
N GLU B 104 6.11 -1.38 11.99
CA GLU B 104 6.34 -1.62 13.44
C GLU B 104 5.18 -1.12 14.29
N GLY B 105 4.59 0.00 13.92
CA GLY B 105 3.80 0.80 14.86
C GLY B 105 2.33 0.87 14.52
N GLY B 106 1.74 2.00 14.87
CA GLY B 106 0.29 2.20 14.75
C GLY B 106 -0.47 1.19 15.58
N ILE B 107 -1.75 1.00 15.26
N ILE B 107 -1.76 1.05 15.25
CA ILE B 107 -2.60 0.08 16.06
CA ILE B 107 -2.69 0.12 15.95
C ILE B 107 -2.33 -1.36 15.64
C ILE B 107 -2.29 -1.33 15.64
N PHE B 108 -1.88 -1.63 14.42
CA PHE B 108 -1.77 -3.03 13.97
C PHE B 108 -0.50 -3.71 14.47
N LYS B 109 0.59 -2.97 14.70
CA LYS B 109 1.90 -3.56 15.05
C LYS B 109 2.16 -4.80 14.20
N ILE B 110 2.13 -4.64 12.88
CA ILE B 110 2.19 -5.80 11.95
C ILE B 110 3.43 -6.66 12.24
N ALA B 111 4.60 -6.05 12.43
CA ALA B 111 5.85 -6.82 12.59
C ALA B 111 5.79 -7.73 13.83
N SER B 112 4.96 -7.43 14.81
N SER B 112 4.95 -7.41 14.80
CA SER B 112 4.90 -8.21 16.07
CA SER B 112 4.84 -8.17 16.09
C SER B 112 4.26 -9.59 15.82
C SER B 112 4.19 -9.54 15.87
N TRP B 113 3.44 -9.74 14.78
CA TRP B 113 2.72 -11.02 14.57
C TRP B 113 2.88 -11.59 13.16
N ALA B 114 3.31 -10.83 12.16
CA ALA B 114 3.37 -11.34 10.77
C ALA B 114 4.75 -11.94 10.51
N ASP B 115 4.80 -13.22 10.17
N ASP B 115 4.81 -13.23 10.16
CA ASP B 115 6.06 -13.87 9.71
CA ASP B 115 6.07 -13.88 9.72
C ASP B 115 6.54 -13.19 8.44
C ASP B 115 6.55 -13.26 8.42
N LEU B 116 5.61 -12.93 7.53
CA LEU B 116 5.88 -12.37 6.19
C LEU B 116 5.02 -11.13 5.97
N VAL B 117 5.60 -10.17 5.27
CA VAL B 117 4.86 -9.05 4.63
C VAL B 117 5.32 -8.97 3.19
N ASN B 118 4.71 -8.08 2.44
CA ASN B 118 5.14 -7.83 1.04
C ASN B 118 5.25 -6.33 0.80
N ALA B 119 5.91 -6.02 -0.30
CA ALA B 119 6.17 -4.62 -0.71
C ALA B 119 6.14 -4.54 -2.23
N HIS B 120 5.62 -3.41 -2.70
CA HIS B 120 5.80 -3.00 -4.11
C HIS B 120 7.20 -2.44 -4.28
N VAL B 121 7.75 -2.62 -5.47
CA VAL B 121 9.14 -2.19 -5.76
C VAL B 121 9.16 -0.79 -6.40
N VAL B 122 8.01 -0.26 -6.78
CA VAL B 122 7.94 1.01 -7.54
C VAL B 122 8.64 2.16 -6.81
N PRO B 123 8.68 2.28 -5.46
CA PRO B 123 9.38 3.41 -4.85
C PRO B 123 10.91 3.34 -4.90
N GLY B 124 11.45 2.22 -5.36
CA GLY B 124 12.89 1.93 -5.30
C GLY B 124 13.25 1.22 -4.01
N SER B 125 14.52 0.86 -3.87
CA SER B 125 14.97 -0.09 -2.83
C SER B 125 14.84 0.49 -1.42
N GLY B 126 14.66 1.79 -1.26
CA GLY B 126 14.40 2.38 0.07
C GLY B 126 13.21 1.73 0.77
N VAL B 127 12.21 1.25 0.02
CA VAL B 127 11.05 0.59 0.66
C VAL B 127 11.55 -0.67 1.40
N VAL B 128 12.45 -1.42 0.78
CA VAL B 128 12.99 -2.65 1.40
C VAL B 128 13.91 -2.27 2.56
N LYS B 129 14.76 -1.26 2.37
N LYS B 129 14.78 -1.28 2.37
CA LYS B 129 15.72 -0.84 3.42
CA LYS B 129 15.71 -0.87 3.44
C LYS B 129 14.95 -0.37 4.66
C LYS B 129 14.91 -0.43 4.66
N GLY B 130 13.85 0.37 4.48
CA GLY B 130 13.03 0.81 5.61
C GLY B 130 12.40 -0.36 6.34
N LEU B 131 11.79 -1.27 5.59
CA LEU B 131 11.15 -2.44 6.23
C LEU B 131 12.19 -3.28 6.97
N GLN B 132 13.35 -3.50 6.34
N GLN B 132 13.41 -3.37 6.42
CA GLN B 132 14.35 -4.48 6.85
CA GLN B 132 14.52 -4.17 7.02
C GLN B 132 14.93 -3.98 8.18
C GLN B 132 14.91 -3.59 8.39
N GLU B 133 14.90 -2.67 8.42
N GLU B 133 14.87 -2.27 8.55
CA GLU B 133 15.38 -2.08 9.71
CA GLU B 133 15.24 -1.64 9.85
C GLU B 133 14.53 -2.59 10.87
C GLU B 133 14.42 -2.27 10.98
N VAL B 134 13.22 -2.77 10.67
CA VAL B 134 12.30 -3.36 11.66
C VAL B 134 12.34 -4.89 11.55
N GLY B 135 12.26 -5.41 10.33
CA GLY B 135 12.06 -6.85 10.12
C GLY B 135 13.27 -7.71 10.44
N LEU B 136 14.48 -7.22 10.15
N LEU B 136 14.49 -7.23 10.17
CA LEU B 136 15.69 -8.04 10.42
CA LEU B 136 15.69 -8.07 10.40
C LEU B 136 15.80 -8.32 11.92
C LEU B 136 15.87 -8.32 11.90
N PRO B 137 15.77 -7.31 12.81
CA PRO B 137 15.84 -7.59 14.25
C PRO B 137 14.71 -8.49 14.75
N LEU B 138 13.55 -8.43 14.10
CA LEU B 138 12.39 -9.27 14.50
C LEU B 138 12.37 -10.57 13.71
N HIS B 139 13.43 -10.91 12.97
CA HIS B 139 13.59 -12.25 12.37
C HIS B 139 12.48 -12.51 11.35
N ARG B 140 12.03 -11.48 10.66
CA ARG B 140 10.92 -11.59 9.70
C ARG B 140 11.42 -11.70 8.27
N GLY B 141 10.51 -12.02 7.37
CA GLY B 141 10.80 -12.05 5.93
C GLY B 141 9.85 -11.17 5.15
N CYS B 142 10.24 -10.88 3.91
CA CYS B 142 9.49 -9.99 2.99
C CYS B 142 9.40 -10.64 1.61
N LEU B 143 8.28 -10.40 0.94
CA LEU B 143 8.06 -10.79 -0.47
C LEU B 143 7.97 -9.52 -1.31
N LEU B 144 8.60 -9.52 -2.47
CA LEU B 144 8.48 -8.36 -3.39
C LEU B 144 7.47 -8.70 -4.49
N ILE B 145 6.65 -7.73 -4.84
CA ILE B 145 5.58 -7.93 -5.84
C ILE B 145 6.18 -7.70 -7.22
N ALA B 146 6.49 -8.79 -7.90
CA ALA B 146 7.16 -8.78 -9.21
C ALA B 146 6.16 -8.80 -10.35
N GLU B 147 5.01 -9.44 -10.15
CA GLU B 147 3.92 -9.50 -11.15
C GLU B 147 2.62 -9.49 -10.36
N MET B 148 1.56 -8.98 -10.99
N MET B 148 1.56 -8.97 -10.98
CA MET B 148 0.23 -8.86 -10.35
CA MET B 148 0.23 -8.90 -10.35
C MET B 148 -0.79 -9.60 -11.21
C MET B 148 -0.82 -9.56 -11.24
N SER B 149 -1.88 -10.04 -10.60
CA SER B 149 -2.91 -10.87 -11.27
C SER B 149 -3.95 -10.01 -12.01
N SER B 150 -3.95 -8.71 -11.80
CA SER B 150 -5.07 -7.83 -12.17
C SER B 150 -4.89 -7.28 -13.60
N THR B 151 -6.01 -7.04 -14.26
CA THR B 151 -6.03 -6.52 -15.65
C THR B 151 -5.39 -5.14 -15.69
N GLY B 152 -4.45 -4.94 -16.60
CA GLY B 152 -3.77 -3.65 -16.78
C GLY B 152 -2.56 -3.52 -15.88
N SER B 153 -2.18 -4.56 -15.15
CA SER B 153 -0.95 -4.56 -14.34
C SER B 153 0.22 -3.98 -15.15
N LEU B 154 0.98 -3.08 -14.54
CA LEU B 154 2.21 -2.51 -15.17
C LEU B 154 3.45 -3.26 -14.66
N ALA B 155 3.27 -4.33 -13.89
CA ALA B 155 4.39 -5.11 -13.33
C ALA B 155 4.80 -6.18 -14.35
N THR B 156 5.42 -5.71 -15.44
CA THR B 156 5.82 -6.56 -16.59
C THR B 156 7.22 -6.11 -17.04
N GLY B 157 7.88 -6.94 -17.84
CA GLY B 157 9.15 -6.61 -18.51
C GLY B 157 10.19 -6.09 -17.52
N ASP B 158 10.68 -4.88 -17.75
CA ASP B 158 11.78 -4.28 -16.96
C ASP B 158 11.37 -4.14 -15.49
N TYR B 159 10.09 -3.92 -15.22
CA TYR B 159 9.59 -3.76 -13.83
C TYR B 159 9.82 -5.07 -13.06
N THR B 160 9.41 -6.17 -13.66
CA THR B 160 9.57 -7.52 -13.06
C THR B 160 11.07 -7.80 -12.85
N ARG B 161 11.91 -7.48 -13.83
CA ARG B 161 13.37 -7.68 -13.73
C ARG B 161 13.93 -6.83 -12.57
N ALA B 162 13.43 -5.61 -12.39
CA ALA B 162 13.88 -4.74 -11.29
C ALA B 162 13.50 -5.35 -9.94
N ALA B 163 12.30 -5.96 -9.85
CA ALA B 163 11.87 -6.62 -8.59
C ALA B 163 12.81 -7.78 -8.26
N VAL B 164 13.15 -8.58 -9.26
CA VAL B 164 14.05 -9.75 -9.05
C VAL B 164 15.43 -9.25 -8.58
N ARG B 165 15.98 -8.23 -9.23
CA ARG B 165 17.29 -7.66 -8.82
C ARG B 165 17.21 -7.16 -7.37
N MET B 166 16.15 -6.43 -7.03
CA MET B 166 16.02 -5.86 -5.68
C MET B 166 15.96 -6.99 -4.64
N ALA B 167 15.26 -8.08 -4.93
CA ALA B 167 15.16 -9.26 -4.04
C ALA B 167 16.55 -9.89 -3.87
N GLU B 168 17.24 -10.11 -4.98
N GLU B 168 17.20 -10.20 -4.99
CA GLU B 168 18.49 -10.89 -4.97
CA GLU B 168 18.57 -10.80 -5.01
C GLU B 168 19.59 -10.04 -4.27
C GLU B 168 19.47 -10.02 -4.06
N GLU B 169 19.44 -8.70 -4.20
CA GLU B 169 20.37 -7.76 -3.53
C GLU B 169 20.00 -7.54 -2.06
N HIS B 170 18.85 -8.04 -1.60
CA HIS B 170 18.39 -7.88 -0.19
C HIS B 170 17.98 -9.24 0.38
N SER B 171 18.77 -10.28 0.10
CA SER B 171 18.41 -11.67 0.43
C SER B 171 18.46 -11.94 1.94
N GLU B 172 19.01 -11.03 2.74
CA GLU B 172 18.98 -11.18 4.22
C GLU B 172 17.55 -11.01 4.73
N PHE B 173 16.67 -10.39 3.95
CA PHE B 173 15.30 -10.06 4.39
C PHE B 173 14.25 -10.51 3.37
N VAL B 174 14.54 -10.37 2.09
CA VAL B 174 13.58 -10.74 1.02
C VAL B 174 13.71 -12.24 0.74
N VAL B 175 12.60 -12.96 0.88
CA VAL B 175 12.60 -14.44 0.79
C VAL B 175 11.88 -14.90 -0.48
N GLY B 176 11.34 -13.98 -1.27
CA GLY B 176 10.62 -14.41 -2.47
C GLY B 176 9.73 -13.34 -3.02
N PHE B 177 8.77 -13.78 -3.80
CA PHE B 177 7.96 -12.91 -4.67
C PHE B 177 6.49 -13.24 -4.56
N ILE B 178 5.70 -12.20 -4.78
CA ILE B 178 4.35 -12.34 -5.37
C ILE B 178 4.54 -12.26 -6.88
N SER B 179 4.12 -13.29 -7.58
CA SER B 179 4.33 -13.35 -9.05
C SER B 179 3.29 -14.29 -9.64
N GLY B 180 3.18 -14.29 -10.96
CA GLY B 180 2.28 -15.22 -11.66
C GLY B 180 3.00 -16.46 -12.13
N SER B 181 4.31 -16.52 -11.88
N SER B 181 4.33 -16.44 -12.10
CA SER B 181 5.23 -17.49 -12.51
CA SER B 181 5.25 -17.46 -12.65
C SER B 181 6.53 -17.51 -11.73
C SER B 181 6.56 -17.44 -11.87
N ARG B 182 7.40 -18.46 -12.04
CA ARG B 182 8.81 -18.40 -11.63
C ARG B 182 9.44 -17.19 -12.32
N VAL B 183 9.97 -16.25 -11.54
CA VAL B 183 10.66 -15.04 -12.07
C VAL B 183 12.15 -15.07 -11.71
N SER B 184 12.54 -15.75 -10.63
CA SER B 184 13.95 -15.91 -10.24
C SER B 184 14.37 -17.35 -10.53
N MET B 185 15.59 -17.52 -11.03
CA MET B 185 16.19 -18.85 -11.27
C MET B 185 16.89 -19.35 -9.99
N LYS B 186 16.93 -18.56 -8.92
CA LYS B 186 17.60 -18.94 -7.66
C LYS B 186 16.60 -19.70 -6.79
N PRO B 187 16.86 -20.98 -6.45
CA PRO B 187 15.86 -21.79 -5.76
C PRO B 187 15.60 -21.42 -4.29
N GLU B 188 16.44 -20.55 -3.73
N GLU B 188 16.41 -20.54 -3.71
CA GLU B 188 16.29 -20.01 -2.36
CA GLU B 188 16.21 -20.10 -2.31
C GLU B 188 15.02 -19.15 -2.25
C GLU B 188 15.11 -19.03 -2.24
N PHE B 189 14.55 -18.60 -3.37
CA PHE B 189 13.41 -17.66 -3.38
C PHE B 189 12.10 -18.42 -3.57
N LEU B 190 11.10 -18.00 -2.82
N LEU B 190 11.11 -18.11 -2.75
CA LEU B 190 9.72 -18.52 -2.90
CA LEU B 190 9.73 -18.64 -2.93
C LEU B 190 8.93 -17.76 -3.97
C LEU B 190 9.03 -17.82 -4.02
N HIS B 191 8.10 -18.46 -4.73
CA HIS B 191 7.15 -17.81 -5.66
C HIS B 191 5.73 -18.11 -5.17
N LEU B 192 4.99 -17.07 -4.83
CA LEU B 192 3.58 -17.18 -4.38
C LEU B 192 2.68 -16.51 -5.41
N THR B 193 1.65 -17.23 -5.84
CA THR B 193 0.81 -16.77 -6.96
C THR B 193 -0.65 -16.66 -6.52
N PRO B 194 -1.18 -15.43 -6.47
CA PRO B 194 -2.61 -15.18 -6.33
C PRO B 194 -3.27 -15.14 -7.71
N GLY B 195 -4.58 -14.90 -7.72
CA GLY B 195 -5.37 -15.00 -8.96
C GLY B 195 -5.53 -16.46 -9.37
N VAL B 196 -5.96 -17.29 -8.41
CA VAL B 196 -6.08 -18.75 -8.63
C VAL B 196 -7.50 -19.21 -8.31
N GLN B 197 -8.10 -19.93 -9.26
CA GLN B 197 -9.35 -20.68 -9.06
C GLN B 197 -9.32 -21.92 -9.95
N LEU B 198 -10.10 -22.93 -9.61
CA LEU B 198 -10.16 -24.15 -10.45
C LEU B 198 -10.84 -23.83 -11.79
N GLU B 199 -11.87 -22.99 -11.77
CA GLU B 199 -12.63 -22.64 -12.99
C GLU B 199 -12.07 -21.37 -13.63
N ALA B 200 -12.20 -21.24 -14.95
CA ALA B 200 -11.87 -20.02 -15.69
C ALA B 200 -12.78 -18.89 -15.20
N GLY B 201 -12.25 -17.68 -15.20
CA GLY B 201 -13.06 -16.47 -14.96
C GLY B 201 -12.26 -15.38 -14.30
N GLY B 202 -12.97 -14.49 -13.62
CA GLY B 202 -12.40 -13.27 -13.05
C GLY B 202 -13.41 -12.68 -12.10
N ASP B 203 -13.21 -11.44 -11.71
CA ASP B 203 -14.25 -10.69 -10.98
C ASP B 203 -14.58 -9.44 -11.80
N ASN B 204 -15.42 -8.57 -11.24
CA ASN B 204 -15.92 -7.38 -11.93
C ASN B 204 -15.01 -6.17 -11.69
N LEU B 205 -13.86 -6.36 -11.05
CA LEU B 205 -12.93 -5.26 -10.71
C LEU B 205 -11.50 -5.69 -11.07
N GLY B 206 -11.33 -6.38 -12.20
CA GLY B 206 -10.01 -6.61 -12.81
C GLY B 206 -9.27 -7.85 -12.33
N GLN B 207 -9.81 -8.63 -11.40
CA GLN B 207 -9.14 -9.90 -11.02
C GLN B 207 -9.26 -10.88 -12.17
N GLN B 208 -8.18 -11.60 -12.45
CA GLN B 208 -8.11 -12.67 -13.47
C GLN B 208 -7.64 -13.96 -12.80
N TYR B 209 -8.27 -15.08 -13.14
CA TYR B 209 -7.93 -16.39 -12.53
C TYR B 209 -7.23 -17.30 -13.53
N ASN B 210 -6.30 -18.05 -12.98
CA ASN B 210 -5.66 -19.22 -13.62
C ASN B 210 -5.71 -20.38 -12.65
N SER B 211 -5.57 -21.59 -13.17
CA SER B 211 -5.74 -22.80 -12.35
C SER B 211 -4.45 -23.14 -11.61
N PRO B 212 -4.54 -23.94 -10.53
CA PRO B 212 -3.32 -24.42 -9.87
C PRO B 212 -2.40 -25.18 -10.82
N GLN B 213 -2.95 -26.02 -11.69
CA GLN B 213 -2.10 -26.76 -12.65
C GLN B 213 -1.34 -25.77 -13.53
N GLU B 214 -2.01 -24.73 -14.02
CA GLU B 214 -1.34 -23.72 -14.88
C GLU B 214 -0.21 -23.02 -14.11
N VAL B 215 -0.48 -22.50 -12.90
N VAL B 215 -0.55 -22.54 -12.90
CA VAL B 215 0.52 -21.59 -12.27
CA VAL B 215 0.30 -21.63 -12.08
C VAL B 215 1.62 -22.40 -11.58
C VAL B 215 1.53 -22.39 -11.58
N ILE B 216 1.32 -23.56 -11.01
CA ILE B 216 2.35 -24.40 -10.35
C ILE B 216 3.04 -25.26 -11.41
N GLY B 217 2.26 -25.94 -12.24
CA GLY B 217 2.81 -26.93 -13.17
C GLY B 217 3.45 -26.29 -14.38
N LYS B 218 2.75 -25.42 -15.09
CA LYS B 218 3.24 -24.83 -16.37
C LYS B 218 4.11 -23.60 -16.08
N ARG B 219 3.71 -22.74 -15.14
CA ARG B 219 4.40 -21.44 -14.91
C ARG B 219 5.47 -21.56 -13.81
N GLY B 220 5.55 -22.67 -13.10
CA GLY B 220 6.66 -23.01 -12.20
C GLY B 220 6.65 -22.28 -10.87
N SER B 221 5.51 -21.77 -10.44
N SER B 221 5.50 -21.76 -10.44
CA SER B 221 5.40 -21.10 -9.12
CA SER B 221 5.36 -21.11 -9.10
C SER B 221 5.35 -22.17 -8.02
C SER B 221 5.42 -22.18 -8.01
N ASP B 222 5.53 -21.75 -6.76
CA ASP B 222 5.64 -22.70 -5.62
C ASP B 222 4.33 -22.85 -4.86
N ILE B 223 3.63 -21.73 -4.61
CA ILE B 223 2.48 -21.66 -3.69
C ILE B 223 1.34 -20.97 -4.41
N ILE B 224 0.13 -21.49 -4.24
CA ILE B 224 -1.09 -20.78 -4.71
C ILE B 224 -1.71 -20.04 -3.55
N ILE B 225 -2.15 -18.81 -3.83
CA ILE B 225 -2.91 -17.98 -2.88
C ILE B 225 -4.36 -17.97 -3.35
N VAL B 226 -5.28 -18.45 -2.52
CA VAL B 226 -6.69 -18.62 -2.93
C VAL B 226 -7.58 -17.97 -1.88
N GLY B 227 -8.41 -17.01 -2.31
CA GLY B 227 -9.41 -16.34 -1.47
C GLY B 227 -10.79 -16.89 -1.76
N ARG B 228 -11.53 -16.19 -2.60
CA ARG B 228 -12.97 -16.49 -2.87
C ARG B 228 -13.19 -17.94 -3.35
N GLY B 229 -12.28 -18.55 -4.08
CA GLY B 229 -12.44 -19.95 -4.50
C GLY B 229 -12.68 -20.88 -3.32
N ILE B 230 -12.11 -20.53 -2.16
CA ILE B 230 -12.37 -21.25 -0.89
C ILE B 230 -13.45 -20.51 -0.09
N ILE B 231 -13.27 -19.22 0.20
CA ILE B 231 -14.07 -18.48 1.22
CA ILE B 231 -14.10 -18.62 1.27
C ILE B 231 -15.56 -18.45 0.82
N SER B 232 -15.85 -18.34 -0.47
CA SER B 232 -17.26 -18.24 -0.93
C SER B 232 -17.91 -19.61 -1.07
N ALA B 233 -17.13 -20.69 -1.02
CA ALA B 233 -17.68 -22.06 -1.10
C ALA B 233 -18.46 -22.36 0.17
N ALA B 234 -19.46 -23.23 0.09
CA ALA B 234 -20.23 -23.62 1.29
C ALA B 234 -19.29 -24.34 2.27
N ASP B 235 -18.62 -25.39 1.81
CA ASP B 235 -17.70 -26.17 2.65
C ASP B 235 -16.27 -25.70 2.38
N ARG B 236 -15.77 -24.79 3.21
CA ARG B 236 -14.43 -24.21 3.00
C ARG B 236 -13.34 -25.26 3.25
N LEU B 237 -13.60 -26.27 4.08
CA LEU B 237 -12.56 -27.30 4.33
C LEU B 237 -12.39 -28.15 3.07
N GLU B 238 -13.49 -28.66 2.51
CA GLU B 238 -13.39 -29.46 1.27
C GLU B 238 -12.79 -28.59 0.16
N ALA B 239 -13.18 -27.33 0.04
CA ALA B 239 -12.60 -26.46 -1.01
C ALA B 239 -11.09 -26.36 -0.81
N ALA B 240 -10.65 -26.13 0.43
CA ALA B 240 -9.21 -26.02 0.73
C ALA B 240 -8.51 -27.32 0.32
N GLU B 241 -9.10 -28.46 0.63
CA GLU B 241 -8.48 -29.77 0.27
C GLU B 241 -8.39 -29.93 -1.25
N MET B 242 -9.42 -29.50 -1.98
N MET B 242 -9.39 -29.49 -2.00
CA MET B 242 -9.39 -29.53 -3.47
CA MET B 242 -9.34 -29.57 -3.47
C MET B 242 -8.19 -28.71 -3.96
C MET B 242 -8.20 -28.69 -4.00
N TYR B 243 -8.05 -27.48 -3.46
CA TYR B 243 -6.95 -26.59 -3.90
C TYR B 243 -5.60 -27.15 -3.47
N ARG B 244 -5.50 -27.69 -2.26
CA ARG B 244 -4.24 -28.28 -1.76
C ARG B 244 -3.83 -29.44 -2.68
N LYS B 245 -4.76 -30.35 -2.94
CA LYS B 245 -4.41 -31.54 -3.76
C LYS B 245 -4.02 -31.11 -5.18
N ALA B 246 -4.70 -30.11 -5.73
CA ALA B 246 -4.38 -29.60 -7.08
C ALA B 246 -2.95 -29.03 -7.08
N ALA B 247 -2.65 -28.14 -6.14
CA ALA B 247 -1.33 -27.47 -6.14
C ALA B 247 -0.22 -28.49 -5.85
N TRP B 248 -0.50 -29.44 -4.95
CA TRP B 248 0.54 -30.41 -4.52
C TRP B 248 0.89 -31.33 -5.69
N GLU B 249 -0.11 -31.86 -6.40
N GLU B 249 -0.12 -31.86 -6.38
CA GLU B 249 0.15 -32.79 -7.52
CA GLU B 249 0.11 -32.78 -7.52
C GLU B 249 0.85 -32.03 -8.66
C GLU B 249 0.82 -32.04 -8.66
N ALA B 250 0.46 -30.77 -8.91
CA ALA B 250 1.12 -29.97 -9.97
C ALA B 250 2.60 -29.82 -9.62
N TYR B 251 2.91 -29.61 -8.36
CA TYR B 251 4.30 -29.50 -7.88
C TYR B 251 5.04 -30.84 -8.09
N LEU B 252 4.43 -31.94 -7.66
CA LEU B 252 5.06 -33.28 -7.77
C LEU B 252 5.37 -33.60 -9.24
N SER B 253 4.45 -33.27 -10.14
N SER B 253 4.40 -33.31 -10.11
CA SER B 253 4.54 -33.67 -11.57
CA SER B 253 4.46 -33.58 -11.57
C SER B 253 5.61 -32.85 -12.29
C SER B 253 5.70 -32.90 -12.14
N ARG B 254 5.85 -31.61 -11.84
CA ARG B 254 6.96 -30.76 -12.34
C ARG B 254 8.29 -31.35 -11.85
N LEU B 255 8.32 -31.89 -10.62
CA LEU B 255 9.52 -32.55 -10.02
C LEU B 255 9.85 -33.85 -10.75
N GLY B 256 8.83 -34.58 -11.20
CA GLY B 256 8.99 -35.93 -11.78
C GLY B 256 9.24 -36.97 -10.68
C1 GOL C . 10.88 9.31 -22.19
O1 GOL C . 10.12 8.15 -21.87
C2 GOL C . 10.94 10.27 -21.01
O2 GOL C . 9.63 10.56 -20.56
C3 GOL C . 11.79 9.75 -19.87
O3 GOL C . 11.70 8.32 -19.74
S SO4 D . 15.53 15.36 -9.39
O1 SO4 D . 15.94 15.56 -10.75
O2 SO4 D . 15.92 16.50 -8.60
O3 SO4 D . 16.16 14.18 -8.87
O4 SO4 D . 14.10 15.22 -9.33
S SO4 E . 20.25 7.68 -1.83
O1 SO4 E . 19.05 8.46 -1.85
O2 SO4 E . 21.09 8.05 -2.94
O3 SO4 E . 19.92 6.27 -1.93
O4 SO4 E . 20.95 7.92 -0.60
P OMP F . 9.15 14.35 4.52
O1P OMP F . 8.95 15.81 4.11
O2P OMP F . 9.30 14.28 6.03
O3P OMP F . 10.27 13.66 3.79
O5' OMP F . 7.74 13.61 4.29
C5' OMP F . 7.34 13.16 3.00
C4' OMP F . 5.92 12.62 3.19
O4' OMP F . 5.26 12.47 1.92
C3' OMP F . 5.94 11.25 3.85
O3' OMP F . 4.80 11.09 4.73
C2' OMP F . 5.83 10.28 2.69
O2' OMP F . 5.11 9.10 3.10
C1' OMP F . 5.09 11.08 1.61
N1 OMP F . 5.50 10.86 0.20
C2 OMP F . 6.84 10.99 -0.25
O2 OMP F . 7.74 11.34 0.54
N3 OMP F . 7.17 10.68 -1.51
C4 OMP F . 6.24 10.38 -2.44
O4 OMP F . 6.60 10.29 -3.65
C5 OMP F . 4.90 10.31 -2.10
C6 OMP F . 4.51 10.62 -0.80
C7 OMP F . 3.06 10.96 -0.60
O71 OMP F . 2.76 12.03 -0.01
O72 OMP F . 2.18 10.32 -1.24
N1 U5P G . 5.52 10.80 0.23
C2 U5P G . 6.81 11.09 -0.16
N3 U5P G . 7.09 10.83 -1.48
C4 U5P G . 6.23 10.32 -2.44
C5 U5P G . 4.91 10.06 -1.96
C6 U5P G . 4.60 10.30 -0.68
O2 U5P G . 7.64 11.55 0.60
O4 U5P G . 6.64 10.14 -3.59
C1' U5P G . 5.13 11.07 1.61
C2' U5P G . 5.93 10.31 2.68
O2' U5P G . 5.35 9.06 3.00
C3' U5P G . 5.87 11.27 3.85
C4' U5P G . 5.93 12.64 3.17
O3' U5P G . 4.65 11.11 4.59
O4' U5P G . 5.32 12.45 1.86
C5' U5P G . 7.30 13.23 3.02
O5' U5P G . 7.83 13.48 4.33
P U5P G . 9.16 14.36 4.53
O1P U5P G . 9.45 14.21 5.98
O2P U5P G . 8.91 15.71 3.98
O3P U5P G . 10.20 13.66 3.73
C1 GOL H . 9.81 -10.02 -20.56
O1 GOL H . 8.72 -10.77 -20.03
C2 GOL H . 9.43 -9.31 -21.85
O2 GOL H . 8.29 -8.47 -21.62
C3 GOL H . 10.56 -8.48 -22.42
O3 GOL H . 10.61 -7.19 -21.82
S SO4 I . -11.37 -7.06 -17.09
O1 SO4 I . -11.11 -5.66 -16.89
O2 SO4 I . -11.06 -7.42 -18.46
O3 SO4 I . -12.77 -7.32 -16.83
O4 SO4 I . -10.58 -7.83 -16.19
S SO4 J . -2.50 -14.71 -18.27
O1 SO4 J . -3.26 -13.50 -18.43
O2 SO4 J . -1.72 -14.94 -19.46
O3 SO4 J . -1.62 -14.59 -17.14
O4 SO4 J . -3.38 -15.83 -18.06
P OMP K . -9.22 -13.94 -4.55
O1P OMP K . -9.39 -13.25 -5.89
O2P OMP K . -8.76 -15.38 -4.72
O3P OMP K . -10.52 -14.02 -3.78
O5' OMP K . -8.17 -13.19 -3.60
C5' OMP K . -6.88 -12.78 -4.09
C4' OMP K . -6.13 -12.25 -2.88
O4' OMP K . -4.73 -12.11 -3.19
C3' OMP K . -6.65 -10.87 -2.50
O3' OMP K . -6.70 -10.72 -1.08
C2' OMP K . -5.64 -9.92 -3.09
O2' OMP K . -5.52 -8.78 -2.24
C1' OMP K . -4.34 -10.73 -3.17
N1 OMP K . -3.54 -10.40 -4.37
C2 OMP K . -4.11 -10.43 -5.67
O2 OMP K . -5.31 -10.70 -5.83
N3 OMP K . -3.37 -10.12 -6.74
C4 OMP K . -2.05 -9.88 -6.65
O4 OMP K . -1.35 -9.84 -7.69
C5 OMP K . -1.42 -9.89 -5.40
C6 OMP K . -2.14 -10.16 -4.25
C7 OMP K . -1.38 -10.56 -3.00
O71 OMP K . -0.28 -10.02 -2.70
O72 OMP K . -1.74 -11.61 -2.42
N1 U5P L . -3.69 -10.33 -4.39
C2 U5P L . -4.18 -10.61 -5.67
N3 U5P L . -3.31 -10.35 -6.69
C4 U5P L . -2.01 -9.88 -6.58
C5 U5P L . -1.57 -9.64 -5.24
C6 U5P L . -2.41 -9.88 -4.21
O2 U5P L . -5.30 -11.06 -5.87
O4 U5P L . -1.35 -9.71 -7.60
C1' U5P L . -4.54 -10.63 -3.21
C2' U5P L . -5.89 -9.89 -3.12
O2' U5P L . -5.79 -8.69 -2.38
C3' U5P L . -6.74 -10.90 -2.36
C4' U5P L . -6.21 -12.23 -2.87
O3' U5P L . -6.57 -10.77 -0.95
O4' U5P L . -4.81 -12.01 -3.20
C5' U5P L . -6.94 -12.79 -4.07
O5' U5P L . -8.23 -13.21 -3.61
P U5P L . -9.25 -14.01 -4.54
O1P U5P L . -10.51 -13.90 -3.78
O2P U5P L . -8.70 -15.39 -4.73
O3P U5P L . -9.33 -13.29 -5.86
#